data_3F69
#
_entry.id   3F69
#
_cell.length_a   297.557
_cell.length_b   297.557
_cell.length_c   297.557
_cell.angle_alpha   90.000
_cell.angle_beta   90.000
_cell.angle_gamma   90.000
#
_symmetry.space_group_name_H-M   'F 41 3 2'
#
loop_
_entity.id
_entity.type
_entity.pdbx_description
1 polymer 'Serine/threonine-protein kinase pknB'
2 non-polymer 'hexyl (5S,6R,8R)-6-hydroxy-5-methyl-13-oxo-5,6,7,8-tetrahydro-13H-5,8-epoxy-4b,8a,14-triazadibenzo[b,h]cycloocta[1,2,3,4-jkl]c yclopenta[e]-as-indacene-6-carboxylate'
3 non-polymer 'SULFATE ION'
4 water water
#
_entity_poly.entity_id   1
_entity_poly.type   'polypeptide(L)'
_entity_poly.pdbx_seq_one_letter_code
;GSHMTTPSHLSDRYELGEILGFGGMSEVHLARDLRDHRDVAVKVLRADLARDPSFYLRFRREAQNAAALNHPAIVAVYDT
GEAETPAGPLPYIVMEYVDGVTLRDIVHTEGPMTPKRAIEVIADACQALNFSHQNGIIHRDVKPANILISATNAVKVVDF
GIARAIADSGNSV(TPO)QTAAVIGTAQYLSPEQARGDSVDARSDVYSLGCVLYEVLTGEPPFTGDSPVSVAYQHVREDP
IPPSARHEGLSADLDAVVLKALAKNPENRYQTAAEMRADLVRVHNGEPPEAPKVLTDAERTSLLSSAAGNLSGPR
;
_entity_poly.pdbx_strand_id   A,B
#
loop_
_chem_comp.id
_chem_comp.type
_chem_comp.name
_chem_comp.formula
SO4 non-polymer 'SULFATE ION' 'O4 S -2'
XDR non-polymer 'hexyl (5S,6R,8R)-6-hydroxy-5-methyl-13-oxo-5,6,7,8-tetrahydro-13H-5,8-epoxy-4b,8a,14-triazadibenzo[b,h]cycloocta[1,2,3,4-jkl]c yclopenta[e]-as-indacene-6-carboxylate' 'C32 H29 N3 O5'
#
# COMPACT_ATOMS: atom_id res chain seq x y z
N THR A 6 -18.50 13.83 16.64
CA THR A 6 -19.17 14.77 15.70
C THR A 6 -20.63 15.00 16.13
N PRO A 7 -21.11 16.27 16.10
CA PRO A 7 -22.47 16.51 16.57
C PRO A 7 -23.52 16.14 15.52
N SER A 8 -24.80 16.14 15.91
CA SER A 8 -25.87 15.78 14.99
C SER A 8 -26.12 16.85 13.93
N HIS A 9 -25.79 18.08 14.28
CA HIS A 9 -26.02 19.23 13.41
C HIS A 9 -24.76 20.09 13.35
N LEU A 10 -24.50 20.69 12.20
CA LEU A 10 -23.46 21.69 12.12
C LEU A 10 -24.11 23.05 11.83
N SER A 11 -23.73 24.05 12.62
CA SER A 11 -24.18 25.41 12.39
C SER A 11 -25.70 25.53 12.39
N ASP A 12 -26.37 24.64 13.10
CA ASP A 12 -27.83 24.67 13.15
C ASP A 12 -28.46 24.57 11.77
N ARG A 13 -27.66 24.19 10.79
CA ARG A 13 -28.13 24.17 9.41
C ARG A 13 -28.04 22.78 8.80
N TYR A 14 -26.87 22.16 8.92
CA TYR A 14 -26.60 20.87 8.30
C TYR A 14 -26.76 19.70 9.27
N GLU A 15 -27.74 18.85 9.01
CA GLU A 15 -28.04 17.72 9.88
C GLU A 15 -27.39 16.43 9.34
N LEU A 16 -26.27 16.04 9.96
CA LEU A 16 -25.47 14.90 9.53
C LEU A 16 -26.24 13.59 9.57
N GLY A 17 -26.10 12.81 8.50
CA GLY A 17 -26.69 11.46 8.39
C GLY A 17 -25.62 10.41 8.11
N GLU A 18 -25.90 9.43 7.25
CA GLU A 18 -25.00 8.28 7.10
C GLU A 18 -23.68 8.63 6.40
N ILE A 19 -22.65 7.84 6.65
CA ILE A 19 -21.35 8.07 6.02
C ILE A 19 -21.37 7.63 4.57
N LEU A 20 -20.96 8.50 3.66
CA LEU A 20 -20.82 8.12 2.25
C LEU A 20 -19.48 7.46 1.95
N GLY A 21 -18.45 7.81 2.70
CA GLY A 21 -17.12 7.28 2.45
C GLY A 21 -16.10 7.83 3.42
N PHE A 22 -14.99 7.11 3.60
CA PHE A 22 -13.90 7.59 4.44
C PHE A 22 -12.75 8.03 3.57
N GLY A 23 -12.05 9.07 4.00
CA GLY A 23 -10.87 9.56 3.27
C GLY A 23 -9.71 9.56 4.23
N GLY A 24 -8.61 10.22 3.86
CA GLY A 24 -7.44 10.34 4.74
C GLY A 24 -7.84 10.78 6.15
N MET A 25 -8.05 12.08 6.33
CA MET A 25 -8.32 12.63 7.65
C MET A 25 -9.78 13.03 7.80
N SER A 26 -10.54 12.87 6.73
CA SER A 26 -11.91 13.36 6.73
C SER A 26 -12.88 12.25 6.34
N GLU A 27 -14.13 12.43 6.76
CA GLU A 27 -15.18 11.52 6.37
C GLU A 27 -16.33 12.32 5.77
N VAL A 28 -16.94 11.78 4.73
CA VAL A 28 -18.03 12.46 4.07
C VAL A 28 -19.41 11.91 4.45
N HIS A 29 -20.31 12.80 4.89
CA HIS A 29 -21.66 12.41 5.30
C HIS A 29 -22.72 12.88 4.33
N LEU A 30 -23.77 12.07 4.15
CA LEU A 30 -25.03 12.58 3.61
C LEU A 30 -25.71 13.49 4.66
N ALA A 31 -26.26 14.64 4.26
CA ALA A 31 -26.86 15.55 5.25
C ALA A 31 -27.99 16.41 4.68
N ARG A 32 -28.91 16.85 5.55
CA ARG A 32 -29.95 17.82 5.18
C ARG A 32 -29.48 19.24 5.41
N ASP A 33 -29.40 20.02 4.34
CA ASP A 33 -29.28 21.47 4.48
C ASP A 33 -30.67 21.93 4.88
N LEU A 34 -30.88 22.21 6.16
CA LEU A 34 -32.19 22.60 6.70
C LEU A 34 -32.62 24.00 6.23
N ARG A 35 -31.66 24.73 5.67
CA ARG A 35 -31.91 26.08 5.26
C ARG A 35 -32.29 26.15 3.79
N ASP A 36 -31.57 25.42 2.94
CA ASP A 36 -31.88 25.40 1.52
C ASP A 36 -32.79 24.24 1.14
N HIS A 37 -33.22 23.49 2.15
CA HIS A 37 -34.08 22.33 1.96
C HIS A 37 -33.67 21.38 0.85
N ARG A 38 -32.47 20.83 0.96
N ARG A 38 -32.45 20.85 0.94
CA ARG A 38 -32.01 19.84 0.00
CA ARG A 38 -31.94 19.91 -0.06
C ARG A 38 -31.02 18.94 0.71
C ARG A 38 -30.93 19.00 0.63
N ASP A 39 -30.76 17.79 0.12
CA ASP A 39 -29.72 16.90 0.63
C ASP A 39 -28.36 17.32 0.08
N VAL A 40 -27.35 17.33 0.93
CA VAL A 40 -26.00 17.69 0.51
C VAL A 40 -25.00 16.66 1.03
N ALA A 41 -23.75 16.78 0.59
CA ALA A 41 -22.68 15.96 1.16
C ALA A 41 -21.79 16.89 1.95
N VAL A 42 -21.43 16.48 3.17
CA VAL A 42 -20.59 17.29 4.01
C VAL A 42 -19.33 16.51 4.37
N LYS A 43 -18.19 17.09 4.05
CA LYS A 43 -16.90 16.49 4.36
C LYS A 43 -16.41 17.12 5.65
N VAL A 44 -16.13 16.30 6.65
CA VAL A 44 -15.62 16.79 7.92
C VAL A 44 -14.33 16.13 8.30
N LEU A 45 -13.66 16.76 9.26
CA LEU A 45 -12.44 16.21 9.80
C LEU A 45 -12.87 15.22 10.87
N ARG A 46 -12.31 14.00 10.83
CA ARG A 46 -12.61 13.01 11.87
C ARG A 46 -12.53 13.64 13.27
N ALA A 47 -13.57 13.44 14.09
CA ALA A 47 -13.65 14.11 15.40
C ALA A 47 -12.41 13.96 16.28
N ASP A 48 -11.78 12.79 16.22
CA ASP A 48 -10.61 12.55 17.04
C ASP A 48 -9.47 13.45 16.58
N LEU A 49 -9.38 13.64 15.26
CA LEU A 49 -8.30 14.41 14.67
C LEU A 49 -8.51 15.92 14.81
N ALA A 50 -9.68 16.30 15.32
CA ALA A 50 -10.05 17.71 15.38
C ALA A 50 -9.38 18.44 16.53
N ARG A 51 -8.28 17.89 17.05
CA ARG A 51 -7.50 18.59 18.09
C ARG A 51 -6.02 18.72 17.73
N ASP A 52 -5.47 17.70 17.10
CA ASP A 52 -4.17 17.85 16.45
C ASP A 52 -4.28 19.08 15.59
N PRO A 53 -3.49 20.12 15.92
CA PRO A 53 -3.52 21.35 15.12
C PRO A 53 -2.96 21.13 13.72
N SER A 54 -1.95 20.28 13.60
CA SER A 54 -1.39 19.97 12.29
C SER A 54 -2.49 19.56 11.31
N PHE A 55 -3.54 18.91 11.83
CA PHE A 55 -4.66 18.47 10.99
C PHE A 55 -5.73 19.54 10.78
N TYR A 56 -6.11 20.21 11.87
CA TYR A 56 -7.03 21.33 11.78
C TYR A 56 -6.55 22.31 10.71
N LEU A 57 -5.28 22.69 10.79
CA LEU A 57 -4.71 23.64 9.83
C LEU A 57 -4.72 23.05 8.42
N ARG A 58 -4.19 21.84 8.26
CA ARG A 58 -4.15 21.17 6.96
C ARG A 58 -5.53 21.11 6.29
N PHE A 59 -6.55 20.84 7.09
CA PHE A 59 -7.89 20.70 6.55
C PHE A 59 -8.50 22.05 6.19
N ARG A 60 -8.31 23.04 7.07
CA ARG A 60 -8.88 24.36 6.87
C ARG A 60 -8.35 25.01 5.59
N ARG A 61 -7.10 24.73 5.26
CA ARG A 61 -6.53 25.25 4.01
C ARG A 61 -7.15 24.52 2.84
N GLU A 62 -7.35 23.22 2.99
CA GLU A 62 -8.00 22.45 1.95
C GLU A 62 -9.43 22.92 1.75
N ALA A 63 -10.07 23.35 2.83
CA ALA A 63 -11.45 23.80 2.75
C ALA A 63 -11.51 25.21 2.18
N GLN A 64 -10.77 26.13 2.81
N GLN A 64 -10.78 26.13 2.79
CA GLN A 64 -10.67 27.51 2.36
CA GLN A 64 -10.79 27.51 2.30
C GLN A 64 -10.28 27.57 0.87
C GLN A 64 -10.26 27.60 0.86
N ASN A 65 -9.38 26.69 0.46
CA ASN A 65 -8.85 26.70 -0.90
C ASN A 65 -9.36 25.59 -1.78
N ALA A 66 -10.53 25.06 -1.43
CA ALA A 66 -11.16 23.99 -2.18
C ALA A 66 -11.32 24.39 -3.63
N ALA A 67 -11.21 23.41 -4.52
CA ALA A 67 -11.46 23.64 -5.92
C ALA A 67 -12.98 23.74 -6.14
N ALA A 68 -13.49 24.96 -6.33
CA ALA A 68 -14.92 25.15 -6.55
C ALA A 68 -15.26 25.31 -8.02
N LEU A 69 -15.30 24.20 -8.74
CA LEU A 69 -15.51 24.20 -10.19
C LEU A 69 -16.98 23.98 -10.56
N ASN A 70 -17.39 24.50 -11.72
CA ASN A 70 -18.79 24.43 -12.11
C ASN A 70 -19.00 23.67 -13.44
N HIS A 71 -19.21 22.37 -13.31
CA HIS A 71 -19.35 21.53 -14.49
C HIS A 71 -20.21 20.32 -14.14
N PRO A 72 -21.06 19.91 -15.09
CA PRO A 72 -22.00 18.79 -14.92
C PRO A 72 -21.32 17.53 -14.41
N ALA A 73 -20.10 17.25 -14.87
CA ALA A 73 -19.38 16.06 -14.41
C ALA A 73 -18.46 16.30 -13.19
N ILE A 74 -18.51 17.49 -12.60
CA ILE A 74 -17.72 17.76 -11.39
C ILE A 74 -18.59 18.07 -10.19
N VAL A 75 -18.39 17.36 -9.08
CA VAL A 75 -19.23 17.58 -7.91
C VAL A 75 -18.98 18.99 -7.38
N ALA A 76 -20.02 19.80 -7.30
CA ALA A 76 -19.88 21.22 -6.96
C ALA A 76 -19.47 21.45 -5.50
N VAL A 77 -18.92 22.61 -5.21
CA VAL A 77 -18.72 22.98 -3.83
C VAL A 77 -19.67 24.11 -3.46
N TYR A 78 -20.44 23.91 -2.40
CA TYR A 78 -21.47 24.86 -2.02
C TYR A 78 -21.01 25.91 -1.01
N ASP A 79 -20.38 25.45 0.07
CA ASP A 79 -20.17 26.27 1.24
C ASP A 79 -19.01 25.64 1.98
N THR A 80 -18.40 26.38 2.90
CA THR A 80 -17.36 25.85 3.79
C THR A 80 -17.63 26.44 5.14
N GLY A 81 -17.22 25.75 6.19
CA GLY A 81 -17.59 26.18 7.53
C GLY A 81 -16.69 25.68 8.63
N GLU A 82 -17.09 26.01 9.85
CA GLU A 82 -16.44 25.58 11.08
C GLU A 82 -17.55 25.56 12.09
N ALA A 83 -17.93 24.39 12.57
CA ALA A 83 -19.03 24.28 13.51
C ALA A 83 -18.52 24.55 14.92
N GLU A 84 -19.41 24.45 15.90
CA GLU A 84 -18.98 24.69 17.28
C GLU A 84 -19.50 23.62 18.22
N THR A 85 -18.83 22.46 18.22
CA THR A 85 -19.06 21.48 19.27
C THR A 85 -18.38 22.02 20.52
N PRO A 86 -18.98 21.77 21.69
CA PRO A 86 -18.44 22.27 22.96
C PRO A 86 -17.02 21.76 23.17
N ALA A 87 -16.71 20.63 22.54
CA ALA A 87 -15.37 20.05 22.57
C ALA A 87 -14.39 20.92 21.78
N GLY A 88 -14.84 21.41 20.63
CA GLY A 88 -14.03 22.31 19.82
C GLY A 88 -14.67 22.67 18.50
N PRO A 89 -14.00 23.57 17.75
CA PRO A 89 -14.34 23.97 16.40
C PRO A 89 -14.08 22.82 15.42
N LEU A 90 -15.09 22.52 14.60
CA LEU A 90 -15.03 21.39 13.67
C LEU A 90 -15.25 21.87 12.24
N PRO A 91 -14.20 21.84 11.41
CA PRO A 91 -14.27 22.38 10.07
C PRO A 91 -14.91 21.41 9.07
N TYR A 92 -15.49 21.95 8.00
CA TYR A 92 -16.27 21.13 7.08
C TYR A 92 -16.45 21.79 5.72
N ILE A 93 -16.65 20.98 4.69
CA ILE A 93 -17.00 21.47 3.38
C ILE A 93 -18.35 20.87 2.97
N VAL A 94 -19.23 21.71 2.46
CA VAL A 94 -20.53 21.25 2.00
C VAL A 94 -20.46 21.13 0.48
N MET A 95 -20.93 19.99 -0.05
CA MET A 95 -20.85 19.73 -1.50
C MET A 95 -22.11 19.12 -2.11
N GLU A 96 -22.19 19.19 -3.44
CA GLU A 96 -23.18 18.47 -4.20
C GLU A 96 -23.24 16.99 -3.78
N TYR A 97 -24.45 16.49 -3.56
CA TYR A 97 -24.64 15.10 -3.22
C TYR A 97 -25.01 14.30 -4.47
N VAL A 98 -24.38 13.14 -4.59
CA VAL A 98 -24.58 12.28 -5.72
C VAL A 98 -25.16 10.96 -5.19
N ASP A 99 -26.42 10.75 -5.50
CA ASP A 99 -27.12 9.52 -5.13
C ASP A 99 -26.61 8.43 -6.04
N GLY A 100 -25.54 7.75 -5.66
CA GLY A 100 -24.96 6.74 -6.54
C GLY A 100 -23.92 5.85 -5.89
N VAL A 101 -22.96 5.36 -6.67
CA VAL A 101 -21.88 4.49 -6.16
C VAL A 101 -20.59 4.80 -6.89
N THR A 102 -19.48 4.40 -6.30
CA THR A 102 -18.19 4.67 -6.92
C THR A 102 -17.89 3.67 -8.03
N LEU A 103 -17.06 4.08 -9.00
CA LEU A 103 -16.49 3.10 -9.92
C LEU A 103 -15.83 1.95 -9.18
N ARG A 104 -15.16 2.24 -8.07
CA ARG A 104 -14.51 1.17 -7.33
C ARG A 104 -15.51 0.10 -6.94
N ASP A 105 -16.72 0.52 -6.53
CA ASP A 105 -17.75 -0.43 -6.14
C ASP A 105 -18.27 -1.22 -7.32
N ILE A 106 -18.48 -0.54 -8.44
CA ILE A 106 -19.01 -1.18 -9.63
C ILE A 106 -18.07 -2.28 -10.11
N VAL A 107 -16.83 -1.90 -10.38
CA VAL A 107 -15.84 -2.88 -10.76
C VAL A 107 -15.75 -4.03 -9.77
N HIS A 108 -15.94 -3.77 -8.48
CA HIS A 108 -15.75 -4.85 -7.50
C HIS A 108 -16.98 -5.74 -7.38
N THR A 109 -18.18 -5.17 -7.38
CA THR A 109 -19.35 -6.03 -7.27
C THR A 109 -19.79 -6.57 -8.64
N GLU A 110 -19.51 -5.82 -9.70
CA GLU A 110 -20.02 -6.19 -11.02
C GLU A 110 -18.99 -6.64 -12.03
N GLY A 111 -17.72 -6.38 -11.76
CA GLY A 111 -16.66 -6.78 -12.68
C GLY A 111 -16.47 -5.70 -13.73
N PRO A 112 -15.57 -5.98 -14.69
CA PRO A 112 -15.25 -5.08 -15.80
C PRO A 112 -16.49 -4.70 -16.58
N MET A 113 -16.51 -3.46 -17.06
CA MET A 113 -17.58 -2.98 -17.90
C MET A 113 -17.42 -3.45 -19.34
N THR A 114 -18.45 -3.26 -20.16
CA THR A 114 -18.28 -3.53 -21.59
C THR A 114 -17.45 -2.37 -22.16
N PRO A 115 -16.72 -2.61 -23.25
CA PRO A 115 -15.97 -1.53 -23.90
C PRO A 115 -16.83 -0.29 -24.16
N LYS A 116 -18.03 -0.48 -24.68
CA LYS A 116 -18.88 0.67 -24.98
C LYS A 116 -19.14 1.47 -23.71
N ARG A 117 -19.59 0.79 -22.65
CA ARG A 117 -19.91 1.51 -21.42
C ARG A 117 -18.64 2.18 -20.84
N ALA A 118 -17.55 1.43 -20.76
CA ALA A 118 -16.29 1.99 -20.26
C ALA A 118 -15.91 3.27 -21.01
N ILE A 119 -16.02 3.24 -22.34
CA ILE A 119 -15.71 4.43 -23.12
C ILE A 119 -16.60 5.60 -22.74
N GLU A 120 -17.89 5.36 -22.60
CA GLU A 120 -18.79 6.45 -22.22
C GLU A 120 -18.38 7.04 -20.89
N VAL A 121 -18.10 6.16 -19.91
CA VAL A 121 -17.74 6.64 -18.60
C VAL A 121 -16.44 7.43 -18.63
N ILE A 122 -15.41 6.90 -19.25
CA ILE A 122 -14.13 7.58 -19.26
C ILE A 122 -14.10 8.84 -20.11
N ALA A 123 -14.87 8.87 -21.17
CA ALA A 123 -14.87 10.07 -22.00
C ALA A 123 -15.57 11.18 -21.23
N ASP A 124 -16.58 10.81 -20.47
CA ASP A 124 -17.23 11.79 -19.64
C ASP A 124 -16.28 12.30 -18.56
N ALA A 125 -15.49 11.42 -17.98
CA ALA A 125 -14.47 11.87 -17.03
C ALA A 125 -13.47 12.83 -17.69
N CYS A 126 -13.07 12.52 -18.92
CA CYS A 126 -12.18 13.43 -19.65
C CYS A 126 -12.74 14.85 -19.75
N GLN A 127 -14.06 14.98 -19.77
CA GLN A 127 -14.61 16.31 -19.90
C GLN A 127 -14.49 17.06 -18.60
N ALA A 128 -14.71 16.36 -17.49
CA ALA A 128 -14.55 16.97 -16.19
C ALA A 128 -13.10 17.38 -16.08
N LEU A 129 -12.20 16.46 -16.42
CA LEU A 129 -10.80 16.73 -16.25
C LEU A 129 -10.34 17.88 -17.12
N ASN A 130 -10.88 17.94 -18.33
CA ASN A 130 -10.49 18.99 -19.24
C ASN A 130 -10.95 20.34 -18.77
N PHE A 131 -12.19 20.41 -18.28
CA PHE A 131 -12.72 21.66 -17.77
C PHE A 131 -11.90 22.11 -16.57
N SER A 132 -11.48 21.15 -15.77
CA SER A 132 -10.66 21.44 -14.61
C SER A 132 -9.34 22.01 -15.10
N HIS A 133 -8.73 21.35 -16.06
CA HIS A 133 -7.43 21.77 -16.57
C HIS A 133 -7.44 23.18 -17.19
N GLN A 134 -8.52 23.50 -17.90
CA GLN A 134 -8.60 24.81 -18.57
C GLN A 134 -8.79 25.88 -17.53
N ASN A 135 -9.03 25.45 -16.30
CA ASN A 135 -9.20 26.34 -15.17
C ASN A 135 -8.00 26.24 -14.23
N GLY A 136 -6.92 25.66 -14.74
CA GLY A 136 -5.64 25.66 -14.03
C GLY A 136 -5.47 24.60 -12.97
N ILE A 137 -6.41 23.66 -12.86
CA ILE A 137 -6.41 22.74 -11.74
C ILE A 137 -6.18 21.25 -12.10
N ILE A 138 -5.12 20.68 -11.54
CA ILE A 138 -4.81 19.28 -11.73
C ILE A 138 -5.47 18.46 -10.62
N HIS A 139 -6.13 17.36 -10.97
CA HIS A 139 -6.80 16.57 -9.92
C HIS A 139 -5.77 15.89 -9.03
N ARG A 140 -4.87 15.13 -9.64
CA ARG A 140 -3.73 14.53 -8.93
C ARG A 140 -4.04 13.20 -8.26
N ASP A 141 -5.32 12.88 -8.13
CA ASP A 141 -5.69 11.62 -7.51
C ASP A 141 -6.88 10.89 -8.22
N VAL A 142 -6.94 11.01 -9.55
CA VAL A 142 -7.95 10.31 -10.30
C VAL A 142 -7.82 8.79 -10.05
N LYS A 143 -8.94 8.16 -9.76
CA LYS A 143 -8.91 6.77 -9.36
C LYS A 143 -10.33 6.32 -9.14
N PRO A 144 -10.59 5.00 -9.20
CA PRO A 144 -12.00 4.62 -9.26
C PRO A 144 -12.80 5.12 -8.07
N ALA A 145 -12.17 5.16 -6.90
CA ALA A 145 -12.93 5.61 -5.74
C ALA A 145 -13.25 7.11 -5.79
N ASN A 146 -12.74 7.83 -6.77
CA ASN A 146 -12.98 9.25 -6.80
C ASN A 146 -13.84 9.61 -7.99
N ILE A 147 -14.33 8.59 -8.69
CA ILE A 147 -15.30 8.81 -9.75
C ILE A 147 -16.63 8.18 -9.33
N LEU A 148 -17.69 8.98 -9.36
CA LEU A 148 -19.02 8.49 -8.96
C LEU A 148 -19.92 8.26 -10.16
N ILE A 149 -20.70 7.18 -10.13
CA ILE A 149 -21.78 7.01 -11.06
C ILE A 149 -23.16 7.19 -10.37
N SER A 150 -23.98 8.09 -10.88
CA SER A 150 -25.23 8.41 -10.20
C SER A 150 -26.32 7.43 -10.61
N ALA A 151 -27.43 7.43 -9.87
CA ALA A 151 -28.56 6.55 -10.21
C ALA A 151 -29.02 6.75 -11.65
N THR A 152 -28.92 7.97 -12.17
CA THR A 152 -29.36 8.21 -13.55
C THR A 152 -28.18 8.11 -14.48
N ASN A 153 -27.06 7.62 -13.94
CA ASN A 153 -26.01 7.11 -14.80
C ASN A 153 -24.99 8.14 -15.23
N ALA A 154 -25.02 9.30 -14.58
CA ALA A 154 -24.11 10.37 -14.91
C ALA A 154 -22.82 10.16 -14.15
N VAL A 155 -21.72 10.52 -14.80
CA VAL A 155 -20.41 10.55 -14.15
C VAL A 155 -20.22 11.85 -13.37
N LYS A 156 -19.77 11.71 -12.12
CA LYS A 156 -19.46 12.86 -11.26
C LYS A 156 -18.11 12.60 -10.61
N VAL A 157 -17.14 13.49 -10.81
CA VAL A 157 -15.82 13.31 -10.23
C VAL A 157 -15.68 14.10 -8.95
N VAL A 158 -15.07 13.51 -7.92
CA VAL A 158 -14.88 14.20 -6.64
C VAL A 158 -13.42 14.26 -6.22
N ASP A 159 -13.12 15.13 -5.26
CA ASP A 159 -11.83 15.09 -4.59
C ASP A 159 -10.65 15.68 -5.39
N PHE A 160 -10.91 16.80 -6.07
CA PHE A 160 -9.83 17.50 -6.71
C PHE A 160 -8.89 18.04 -5.66
N GLY A 161 -7.59 18.01 -5.94
CA GLY A 161 -6.62 18.57 -5.00
C GLY A 161 -6.57 20.08 -5.13
N ILE A 162 -6.13 20.76 -4.09
CA ILE A 162 -6.12 22.20 -4.20
C ILE A 162 -4.90 22.63 -5.02
N ALA A 163 -5.00 23.79 -5.67
CA ALA A 163 -3.91 24.33 -6.47
C ALA A 163 -2.58 24.32 -5.72
N ARG A 164 -1.50 24.05 -6.46
CA ARG A 164 -0.15 24.12 -5.87
C ARG A 164 0.76 25.16 -6.54
N ALA A 165 1.80 25.54 -5.81
CA ALA A 165 2.93 26.33 -6.33
C ALA A 165 3.72 25.64 -7.46
N ILE A 166 4.41 26.42 -8.30
CA ILE A 166 5.34 25.93 -9.32
C ILE A 166 6.61 26.78 -9.17
N THR A 182 -3.19 1.69 -3.20
CA THR A 182 -2.29 2.85 -3.28
C THR A 182 -1.26 2.65 -4.39
N ALA A 183 -0.94 3.75 -5.09
CA ALA A 183 0.05 3.71 -6.14
C ALA A 183 -0.43 3.02 -7.40
N GLN A 184 -1.66 2.54 -7.41
CA GLN A 184 -2.13 1.87 -8.61
C GLN A 184 -2.44 2.84 -9.72
N TYR A 185 -2.65 4.11 -9.35
CA TYR A 185 -3.03 5.14 -10.30
C TYR A 185 -2.05 6.33 -10.35
N LEU A 186 -0.92 6.23 -9.65
CA LEU A 186 0.13 7.23 -9.78
C LEU A 186 0.67 7.22 -11.17
N SER A 187 1.07 8.40 -11.64
CA SER A 187 1.84 8.49 -12.86
C SER A 187 3.31 8.34 -12.52
N PRO A 188 4.11 7.91 -13.50
CA PRO A 188 5.56 7.76 -13.34
C PRO A 188 6.18 8.97 -12.68
N GLU A 189 5.72 10.16 -13.06
CA GLU A 189 6.29 11.37 -12.51
C GLU A 189 5.99 11.51 -11.02
N GLN A 190 4.74 11.31 -10.60
CA GLN A 190 4.43 11.32 -9.17
C GLN A 190 5.28 10.26 -8.46
N ALA A 191 5.45 9.11 -9.10
CA ALA A 191 6.26 8.04 -8.55
C ALA A 191 7.73 8.46 -8.39
N ARG A 192 8.29 9.09 -9.41
CA ARG A 192 9.66 9.58 -9.33
C ARG A 192 9.76 10.74 -8.35
N GLY A 193 8.65 11.44 -8.15
CA GLY A 193 8.69 12.72 -7.42
C GLY A 193 9.12 13.89 -8.29
N ASP A 194 8.89 13.79 -9.60
CA ASP A 194 9.03 14.94 -10.51
C ASP A 194 7.75 15.76 -10.47
N SER A 195 7.74 16.87 -11.21
CA SER A 195 6.55 17.73 -11.27
C SER A 195 5.45 17.10 -12.10
N VAL A 196 4.22 17.34 -11.69
CA VAL A 196 3.09 16.77 -12.37
C VAL A 196 2.35 17.92 -13.07
N ASP A 197 1.69 17.62 -14.19
CA ASP A 197 0.82 18.58 -14.84
C ASP A 197 -0.40 17.84 -15.38
N ALA A 198 -1.17 18.50 -16.25
CA ALA A 198 -2.38 17.87 -16.75
C ALA A 198 -2.09 16.46 -17.27
N ARG A 199 -1.03 16.31 -18.06
CA ARG A 199 -0.70 15.00 -18.61
C ARG A 199 -0.70 13.92 -17.54
N SER A 200 -0.39 14.32 -16.31
CA SER A 200 -0.34 13.36 -15.21
C SER A 200 -1.74 12.82 -14.91
N ASP A 201 -2.75 13.68 -14.92
CA ASP A 201 -4.15 13.24 -14.80
C ASP A 201 -4.52 12.34 -15.97
N VAL A 202 -4.04 12.67 -17.16
CA VAL A 202 -4.26 11.80 -18.31
C VAL A 202 -3.81 10.35 -18.02
N TYR A 203 -2.58 10.20 -17.54
CA TYR A 203 -2.01 8.87 -17.30
C TYR A 203 -2.88 8.12 -16.30
N SER A 204 -3.35 8.82 -15.29
CA SER A 204 -4.10 8.16 -14.24
C SER A 204 -5.47 7.74 -14.73
N LEU A 205 -6.08 8.59 -15.54
CA LEU A 205 -7.36 8.25 -16.11
C LEU A 205 -7.21 6.97 -16.95
N GLY A 206 -6.11 6.86 -17.68
CA GLY A 206 -5.86 5.65 -18.45
C GLY A 206 -5.75 4.42 -17.58
N CYS A 207 -5.27 4.58 -16.34
CA CYS A 207 -5.19 3.44 -15.42
C CYS A 207 -6.59 3.00 -15.09
N VAL A 208 -7.46 3.96 -14.86
CA VAL A 208 -8.82 3.63 -14.57
C VAL A 208 -9.46 2.98 -15.80
N LEU A 209 -9.22 3.55 -16.97
CA LEU A 209 -9.76 2.96 -18.20
C LEU A 209 -9.33 1.51 -18.28
N TYR A 210 -8.05 1.25 -18.00
CA TYR A 210 -7.51 -0.10 -18.11
C TYR A 210 -8.26 -1.03 -17.17
N GLU A 211 -8.55 -0.54 -15.97
CA GLU A 211 -9.22 -1.36 -14.97
C GLU A 211 -10.69 -1.63 -15.30
N VAL A 212 -11.45 -0.64 -15.75
CA VAL A 212 -12.85 -0.92 -16.04
C VAL A 212 -12.92 -1.86 -17.23
N LEU A 213 -11.90 -1.82 -18.08
CA LEU A 213 -11.86 -2.72 -19.22
C LEU A 213 -11.46 -4.14 -18.86
N THR A 214 -10.49 -4.32 -17.97
CA THR A 214 -9.96 -5.67 -17.75
C THR A 214 -10.24 -6.24 -16.36
N GLY A 215 -10.77 -5.42 -15.47
CA GLY A 215 -11.04 -5.86 -14.09
C GLY A 215 -9.86 -5.59 -13.17
N GLU A 216 -8.77 -5.09 -13.72
CA GLU A 216 -7.57 -4.88 -12.93
C GLU A 216 -6.79 -3.71 -13.46
N PRO A 217 -6.09 -2.99 -12.58
CA PRO A 217 -5.25 -1.88 -13.03
C PRO A 217 -4.02 -2.46 -13.68
N PRO A 218 -3.32 -1.64 -14.46
CA PRO A 218 -2.21 -2.04 -15.29
C PRO A 218 -1.15 -2.80 -14.50
N PHE A 219 -0.90 -2.37 -13.27
CA PHE A 219 0.19 -2.94 -12.51
C PHE A 219 -0.30 -3.32 -11.13
N THR A 220 0.13 -4.49 -10.67
CA THR A 220 -0.25 -4.99 -9.37
C THR A 220 1.01 -5.49 -8.70
N GLY A 221 1.01 -5.57 -7.38
CA GLY A 221 2.22 -5.91 -6.67
C GLY A 221 1.93 -6.06 -5.20
N ASP A 222 2.92 -6.52 -4.44
CA ASP A 222 2.74 -6.81 -3.02
C ASP A 222 2.82 -5.60 -2.12
N SER A 223 3.05 -4.43 -2.71
CA SER A 223 3.33 -3.22 -1.95
C SER A 223 3.24 -2.00 -2.84
N PRO A 224 2.91 -0.86 -2.25
CA PRO A 224 2.87 0.33 -3.08
C PRO A 224 4.21 0.54 -3.81
N VAL A 225 5.34 0.26 -3.14
CA VAL A 225 6.64 0.47 -3.79
C VAL A 225 6.75 -0.31 -5.08
N SER A 226 6.44 -1.60 -5.01
CA SER A 226 6.49 -2.46 -6.18
C SER A 226 5.71 -1.86 -7.30
N VAL A 227 4.51 -1.39 -7.00
CA VAL A 227 3.62 -0.90 -8.03
C VAL A 227 4.23 0.36 -8.58
N ALA A 228 4.61 1.28 -7.70
CA ALA A 228 5.27 2.52 -8.11
C ALA A 228 6.45 2.17 -9.02
N TYR A 229 7.26 1.20 -8.62
CA TYR A 229 8.39 0.87 -9.44
C TYR A 229 7.93 0.48 -10.85
N GLN A 230 6.83 -0.23 -10.94
CA GLN A 230 6.43 -0.72 -12.24
C GLN A 230 5.94 0.45 -13.09
N HIS A 231 5.20 1.37 -12.50
CA HIS A 231 4.72 2.52 -13.25
C HIS A 231 5.88 3.20 -13.96
N VAL A 232 6.96 3.35 -13.21
CA VAL A 232 8.13 4.03 -13.71
C VAL A 232 8.97 3.20 -14.66
N ARG A 233 8.91 1.87 -14.58
CA ARG A 233 9.94 1.07 -15.25
C ARG A 233 9.44 -0.06 -16.13
N GLU A 234 8.27 -0.61 -15.87
CA GLU A 234 7.80 -1.75 -16.65
C GLU A 234 6.79 -1.36 -17.73
N ASP A 235 6.85 -2.05 -18.86
CA ASP A 235 5.89 -1.83 -19.92
C ASP A 235 4.58 -2.44 -19.55
N PRO A 236 3.49 -1.72 -19.76
CA PRO A 236 2.19 -2.28 -19.43
C PRO A 236 1.82 -3.36 -20.43
N ILE A 237 1.09 -4.37 -19.99
CA ILE A 237 0.58 -5.35 -20.91
C ILE A 237 -0.68 -4.81 -21.59
N PRO A 238 -0.72 -4.85 -22.93
CA PRO A 238 -1.90 -4.38 -23.64
C PRO A 238 -3.17 -5.03 -23.09
N PRO A 239 -4.22 -4.22 -22.85
CA PRO A 239 -5.46 -4.69 -22.25
C PRO A 239 -6.03 -5.94 -22.91
N SER A 240 -5.97 -6.04 -24.23
CA SER A 240 -6.59 -7.17 -24.89
C SER A 240 -5.89 -8.47 -24.50
N ALA A 241 -4.68 -8.38 -23.96
CA ALA A 241 -3.97 -9.61 -23.58
C ALA A 241 -4.44 -10.06 -22.21
N ARG A 242 -5.26 -9.24 -21.57
CA ARG A 242 -5.76 -9.57 -20.25
C ARG A 242 -7.29 -9.72 -20.13
N HIS A 243 -8.03 -9.32 -21.15
CA HIS A 243 -9.49 -9.49 -21.21
C HIS A 243 -9.97 -9.59 -22.67
N GLU A 244 -11.06 -10.32 -22.90
CA GLU A 244 -11.57 -10.46 -24.26
C GLU A 244 -12.43 -9.26 -24.69
N GLY A 245 -12.82 -9.22 -25.95
CA GLY A 245 -13.75 -8.19 -26.45
C GLY A 245 -13.19 -6.78 -26.55
N LEU A 246 -11.87 -6.71 -26.55
CA LEU A 246 -11.08 -5.49 -26.63
C LEU A 246 -10.36 -5.47 -27.99
N SER A 247 -10.50 -4.38 -28.75
CA SER A 247 -9.88 -4.27 -30.07
C SER A 247 -8.47 -3.70 -29.99
N ALA A 248 -7.70 -3.93 -31.05
CA ALA A 248 -6.34 -3.42 -31.11
C ALA A 248 -6.33 -1.90 -31.01
N ASP A 249 -7.34 -1.27 -31.62
CA ASP A 249 -7.48 0.17 -31.58
C ASP A 249 -7.60 0.59 -30.14
N LEU A 250 -8.56 -0.01 -29.44
CA LEU A 250 -8.81 0.39 -28.07
C LEU A 250 -7.53 0.20 -27.27
N ASP A 251 -6.79 -0.86 -27.56
CA ASP A 251 -5.47 -1.05 -26.99
C ASP A 251 -4.61 0.18 -27.19
N ALA A 252 -4.48 0.63 -28.43
CA ALA A 252 -3.58 1.73 -28.75
C ALA A 252 -3.91 2.99 -27.94
N VAL A 253 -5.20 3.23 -27.73
CA VAL A 253 -5.61 4.39 -26.97
C VAL A 253 -5.11 4.25 -25.54
N VAL A 254 -5.46 3.12 -24.91
CA VAL A 254 -5.09 2.92 -23.51
C VAL A 254 -3.59 3.03 -23.39
N LEU A 255 -2.89 2.39 -24.32
CA LEU A 255 -1.44 2.39 -24.27
C LEU A 255 -0.87 3.79 -24.42
N LYS A 256 -1.50 4.64 -25.25
CA LYS A 256 -0.97 5.99 -25.40
C LYS A 256 -1.17 6.74 -24.10
N ALA A 257 -2.35 6.62 -23.52
CA ALA A 257 -2.59 7.30 -22.27
C ALA A 257 -1.60 6.81 -21.22
N LEU A 258 -1.08 5.60 -21.39
CA LEU A 258 -0.14 5.06 -20.40
C LEU A 258 1.35 5.24 -20.74
N ALA A 259 1.66 6.05 -21.74
CA ALA A 259 3.05 6.33 -22.10
C ALA A 259 3.88 6.82 -20.93
N LYS A 260 5.11 6.34 -20.80
CA LYS A 260 5.95 6.69 -19.65
C LYS A 260 6.36 8.15 -19.70
N ASN A 261 6.67 8.63 -20.90
CA ASN A 261 7.08 10.01 -21.13
C ASN A 261 5.86 10.88 -21.38
N PRO A 262 5.62 11.88 -20.51
CA PRO A 262 4.49 12.76 -20.74
C PRO A 262 4.47 13.29 -22.17
N GLU A 263 5.64 13.52 -22.76
CA GLU A 263 5.67 14.06 -24.12
C GLU A 263 4.94 13.14 -25.11
N ASN A 264 4.78 11.88 -24.75
CA ASN A 264 4.22 10.89 -25.67
C ASN A 264 2.79 10.47 -25.38
N ARG A 265 2.24 10.97 -24.28
CA ARG A 265 0.85 10.74 -23.96
C ARG A 265 -0.03 11.66 -24.79
N TYR A 266 -1.33 11.54 -24.58
CA TYR A 266 -2.24 12.58 -25.03
C TYR A 266 -1.82 13.84 -24.27
N GLN A 267 -1.82 14.98 -24.93
CA GLN A 267 -1.37 16.19 -24.26
C GLN A 267 -2.48 16.74 -23.36
N THR A 268 -3.72 16.55 -23.77
CA THR A 268 -4.83 17.05 -22.99
C THR A 268 -5.86 15.94 -22.85
N ALA A 269 -6.69 16.06 -21.82
CA ALA A 269 -7.79 15.16 -21.63
C ALA A 269 -8.76 15.25 -22.82
N ALA A 270 -8.75 16.38 -23.51
CA ALA A 270 -9.58 16.53 -24.70
C ALA A 270 -9.08 15.60 -25.79
N GLU A 271 -7.79 15.68 -26.08
CA GLU A 271 -7.18 14.78 -27.04
C GLU A 271 -7.53 13.32 -26.73
N MET A 272 -7.39 12.93 -25.47
CA MET A 272 -7.70 11.58 -25.07
C MET A 272 -9.15 11.21 -25.36
N ARG A 273 -10.07 12.09 -24.98
CA ARG A 273 -11.49 11.81 -25.20
C ARG A 273 -11.83 11.73 -26.67
N ALA A 274 -11.16 12.52 -27.50
CA ALA A 274 -11.40 12.48 -28.95
C ALA A 274 -11.03 11.11 -29.54
N ASP A 275 -9.94 10.52 -29.06
CA ASP A 275 -9.55 9.19 -29.52
C ASP A 275 -10.50 8.14 -28.99
N LEU A 276 -11.00 8.34 -27.78
CA LEU A 276 -12.01 7.45 -27.24
C LEU A 276 -13.26 7.52 -28.12
N VAL A 277 -13.66 8.75 -28.46
CA VAL A 277 -14.81 8.99 -29.32
C VAL A 277 -14.66 8.30 -30.67
N ARG A 278 -13.49 8.38 -31.28
CA ARG A 278 -13.25 7.71 -32.55
C ARG A 278 -13.47 6.21 -32.45
N VAL A 279 -13.01 5.60 -31.36
CA VAL A 279 -13.14 4.16 -31.19
C VAL A 279 -14.59 3.76 -30.94
N HIS A 280 -15.32 4.62 -30.24
CA HIS A 280 -16.73 4.37 -30.01
C HIS A 280 -17.41 4.34 -31.38
N ASN A 281 -17.00 5.25 -32.25
CA ASN A 281 -17.56 5.34 -33.61
C ASN A 281 -17.14 4.19 -34.51
N GLY A 282 -15.96 3.64 -34.25
CA GLY A 282 -15.42 2.58 -35.09
C GLY A 282 -14.42 3.13 -36.08
N GLU A 283 -14.04 4.38 -35.92
CA GLU A 283 -12.98 4.97 -36.74
C GLU A 283 -11.60 4.73 -36.12
N PRO A 284 -10.58 4.66 -36.98
CA PRO A 284 -9.21 4.48 -36.50
C PRO A 284 -8.79 5.67 -35.65
N PRO A 285 -8.08 5.43 -34.55
CA PRO A 285 -7.63 6.49 -33.66
C PRO A 285 -6.29 7.06 -34.09
N GLU A 286 -5.93 8.22 -33.58
CA GLU A 286 -4.68 8.86 -33.96
C GLU A 286 -3.50 8.21 -33.22
N ALA A 287 -3.84 7.41 -32.22
CA ALA A 287 -2.85 6.64 -31.47
C ALA A 287 -2.04 5.69 -32.35
N PRO A 288 -0.77 5.46 -31.99
CA PRO A 288 0.12 4.53 -32.70
C PRO A 288 -0.28 3.06 -32.49
N LYS A 289 0.07 2.21 -33.45
CA LYS A 289 -0.41 0.81 -33.45
C LYS A 289 0.47 -0.20 -32.70
N VAL A 290 1.35 0.27 -31.82
CA VAL A 290 2.28 -0.63 -31.10
C VAL A 290 3.16 -1.45 -32.06
N THR B 5 -6.39 5.56 20.47
CA THR B 5 -7.00 5.48 21.83
C THR B 5 -7.90 4.24 21.97
N THR B 6 -7.30 3.07 22.20
CA THR B 6 -8.04 1.80 22.32
C THR B 6 -8.64 1.59 23.72
N PRO B 7 -9.47 0.55 23.88
CA PRO B 7 -10.07 0.26 25.20
C PRO B 7 -9.03 -0.35 26.13
N SER B 8 -9.39 -0.52 27.40
CA SER B 8 -8.45 -1.07 28.39
C SER B 8 -8.44 -2.60 28.39
N HIS B 9 -9.45 -3.21 27.76
CA HIS B 9 -9.70 -4.65 27.83
C HIS B 9 -10.22 -5.23 26.51
N LEU B 10 -10.03 -6.53 26.33
CA LEU B 10 -10.63 -7.26 25.21
C LEU B 10 -11.26 -8.54 25.71
N SER B 11 -12.45 -8.86 25.19
CA SER B 11 -13.11 -10.11 25.51
C SER B 11 -13.09 -10.39 27.01
N ASP B 12 -12.92 -9.36 27.83
CA ASP B 12 -12.88 -9.56 29.28
C ASP B 12 -11.78 -10.55 29.68
N ARG B 13 -10.77 -10.73 28.83
CA ARG B 13 -9.70 -11.67 29.09
C ARG B 13 -8.31 -11.02 28.98
N TYR B 14 -8.09 -10.22 27.94
CA TYR B 14 -6.81 -9.55 27.76
C TYR B 14 -6.87 -8.06 28.11
N GLU B 15 -6.11 -7.67 29.12
CA GLU B 15 -5.99 -6.27 29.49
C GLU B 15 -4.75 -5.67 28.84
N LEU B 16 -4.95 -4.63 28.04
CA LEU B 16 -3.89 -4.07 27.20
C LEU B 16 -2.97 -3.08 27.92
N GLY B 17 -1.68 -3.14 27.58
CA GLY B 17 -0.67 -2.24 28.12
C GLY B 17 0.11 -1.47 27.07
N GLU B 18 1.40 -1.27 27.31
CA GLU B 18 2.20 -0.43 26.44
C GLU B 18 2.27 -0.98 25.01
N ILE B 19 2.28 -0.07 24.02
CA ILE B 19 2.40 -0.42 22.62
C ILE B 19 3.83 -0.87 22.31
N LEU B 20 3.99 -2.06 21.75
CA LEU B 20 5.32 -2.57 21.42
C LEU B 20 5.83 -2.11 20.07
N GLY B 21 4.91 -1.77 19.16
CA GLY B 21 5.26 -1.46 17.79
C GLY B 21 3.97 -1.24 17.06
N PHE B 22 3.99 -0.40 16.02
CA PHE B 22 2.81 -0.12 15.18
C PHE B 22 3.09 -0.56 13.75
N GLY B 23 2.06 -1.04 13.07
CA GLY B 23 2.21 -1.57 11.70
C GLY B 23 1.31 -0.83 10.74
N GLY B 24 0.80 -1.51 9.72
CA GLY B 24 -0.08 -0.83 8.77
C GLY B 24 -1.39 -0.39 9.41
N MET B 25 -2.32 -1.33 9.50
CA MET B 25 -3.65 -1.10 10.06
C MET B 25 -3.68 -1.22 11.57
N SER B 26 -2.58 -1.67 12.16
CA SER B 26 -2.64 -2.36 13.43
C SER B 26 -1.53 -1.99 14.39
N GLU B 27 -1.83 -2.07 15.68
CA GLU B 27 -0.86 -1.81 16.71
C GLU B 27 -0.67 -3.06 17.57
N VAL B 28 0.56 -3.30 18.02
CA VAL B 28 0.86 -4.44 18.86
C VAL B 28 1.04 -4.05 20.32
N HIS B 29 0.26 -4.66 21.20
CA HIS B 29 0.28 -4.32 22.60
C HIS B 29 0.83 -5.45 23.44
N LEU B 30 1.61 -5.11 24.44
CA LEU B 30 1.90 -6.04 25.50
C LEU B 30 0.66 -6.06 26.35
N ALA B 31 0.12 -7.24 26.61
CA ALA B 31 -1.08 -7.35 27.46
C ALA B 31 -0.98 -8.50 28.43
N ARG B 32 -1.77 -8.45 29.49
CA ARG B 32 -1.82 -9.53 30.48
C ARG B 32 -3.03 -10.42 30.16
N ASP B 33 -2.79 -11.72 29.96
CA ASP B 33 -3.89 -12.67 29.75
C ASP B 33 -4.47 -13.07 31.10
N LEU B 34 -5.65 -12.56 31.42
CA LEU B 34 -6.24 -12.78 32.74
C LEU B 34 -6.72 -14.20 33.03
N ARG B 35 -6.98 -14.99 31.98
CA ARG B 35 -7.35 -16.40 32.17
C ARG B 35 -6.13 -17.32 32.33
N ASP B 36 -5.12 -17.13 31.49
CA ASP B 36 -3.94 -17.98 31.49
C ASP B 36 -2.83 -17.43 32.36
N HIS B 37 -3.10 -16.29 32.99
CA HIS B 37 -2.12 -15.63 33.85
C HIS B 37 -0.71 -15.51 33.27
N ARG B 38 -0.59 -14.78 32.18
CA ARG B 38 0.72 -14.56 31.57
C ARG B 38 0.72 -13.38 30.62
N ASP B 39 1.89 -12.92 30.23
CA ASP B 39 1.94 -11.80 29.30
C ASP B 39 2.00 -12.28 27.86
N VAL B 40 1.15 -11.68 27.03
CA VAL B 40 1.09 -12.04 25.62
C VAL B 40 1.25 -10.78 24.80
N ALA B 41 1.40 -10.93 23.49
CA ALA B 41 1.38 -9.77 22.60
C ALA B 41 0.07 -9.81 21.85
N VAL B 42 -0.57 -8.67 21.72
CA VAL B 42 -1.84 -8.57 21.04
C VAL B 42 -1.82 -7.54 19.92
N LYS B 43 -1.97 -8.02 18.70
CA LYS B 43 -2.00 -7.19 17.53
C LYS B 43 -3.46 -6.83 17.22
N VAL B 44 -3.82 -5.56 17.37
CA VAL B 44 -5.19 -5.10 17.09
C VAL B 44 -5.27 -4.04 15.99
N LEU B 45 -6.39 -4.04 15.27
CA LEU B 45 -6.68 -2.95 14.34
C LEU B 45 -6.63 -1.63 15.10
N ARG B 46 -5.92 -0.64 14.57
CA ARG B 46 -5.92 0.71 15.17
C ARG B 46 -7.36 1.18 15.37
N ALA B 47 -7.60 1.91 16.46
CA ALA B 47 -8.97 2.22 16.83
C ALA B 47 -9.59 3.24 15.88
N ASP B 48 -8.75 4.08 15.31
CA ASP B 48 -9.26 5.14 14.43
C ASP B 48 -9.62 4.60 13.03
N LEU B 49 -9.11 3.44 12.68
CA LEU B 49 -9.44 2.83 11.40
C LEU B 49 -10.60 1.85 11.51
N ALA B 50 -11.16 1.71 12.71
CA ALA B 50 -12.10 0.63 12.99
C ALA B 50 -13.50 0.79 12.39
N ARG B 51 -13.99 2.02 12.30
CA ARG B 51 -15.29 2.25 11.67
C ARG B 51 -15.19 1.96 10.19
N ASP B 52 -14.00 2.14 9.64
CA ASP B 52 -13.75 2.00 8.21
C ASP B 52 -13.72 0.54 7.78
N PRO B 53 -14.74 0.12 7.00
CA PRO B 53 -14.96 -1.26 6.56
C PRO B 53 -13.76 -1.90 5.81
N SER B 54 -13.15 -1.17 4.88
CA SER B 54 -12.06 -1.73 4.08
C SER B 54 -10.82 -2.05 4.90
N PHE B 55 -10.73 -1.45 6.10
CA PHE B 55 -9.65 -1.75 7.00
C PHE B 55 -10.06 -2.91 7.88
N TYR B 56 -11.31 -2.89 8.35
CA TYR B 56 -11.85 -3.99 9.16
C TYR B 56 -11.82 -5.31 8.40
N LEU B 57 -12.34 -5.30 7.17
CA LEU B 57 -12.29 -6.49 6.33
C LEU B 57 -10.84 -6.94 6.11
N ARG B 58 -9.97 -6.01 5.71
CA ARG B 58 -8.58 -6.34 5.40
C ARG B 58 -7.92 -7.02 6.58
N PHE B 59 -8.26 -6.57 7.78
CA PHE B 59 -7.65 -7.10 8.99
C PHE B 59 -8.28 -8.41 9.49
N ARG B 60 -9.61 -8.49 9.43
CA ARG B 60 -10.31 -9.72 9.78
C ARG B 60 -9.70 -10.91 9.02
N ARG B 61 -9.47 -10.71 7.72
CA ARG B 61 -8.86 -11.74 6.90
C ARG B 61 -7.45 -12.10 7.42
N GLU B 62 -6.65 -11.08 7.69
CA GLU B 62 -5.31 -11.30 8.25
C GLU B 62 -5.32 -12.03 9.59
N ALA B 63 -6.32 -11.73 10.41
CA ALA B 63 -6.39 -12.28 11.75
C ALA B 63 -6.80 -13.73 11.70
N GLN B 64 -7.89 -13.99 10.99
CA GLN B 64 -8.40 -15.35 10.82
C GLN B 64 -7.39 -16.27 10.15
N ASN B 65 -6.69 -15.75 9.14
CA ASN B 65 -5.74 -16.55 8.40
C ASN B 65 -4.29 -16.44 8.90
N ALA B 66 -4.10 -15.97 10.12
CA ALA B 66 -2.76 -15.83 10.68
C ALA B 66 -2.01 -17.16 10.64
N ALA B 67 -0.73 -17.06 10.32
CA ALA B 67 0.17 -18.19 10.24
C ALA B 67 0.63 -18.67 11.63
N ALA B 68 0.06 -19.79 12.05
CA ALA B 68 0.43 -20.42 13.32
C ALA B 68 1.55 -21.42 13.08
N LEU B 69 2.75 -21.08 13.51
CA LEU B 69 3.85 -21.98 13.31
C LEU B 69 4.43 -22.34 14.65
N ASN B 70 4.89 -23.57 14.78
CA ASN B 70 5.39 -24.03 16.06
C ASN B 70 6.90 -24.22 16.01
N HIS B 71 7.63 -23.18 16.39
CA HIS B 71 9.08 -23.22 16.33
C HIS B 71 9.73 -22.21 17.28
N PRO B 72 10.84 -22.61 17.92
CA PRO B 72 11.56 -21.77 18.87
C PRO B 72 11.93 -20.40 18.31
N ALA B 73 12.27 -20.34 17.03
CA ALA B 73 12.67 -19.06 16.44
C ALA B 73 11.47 -18.33 15.79
N ILE B 74 10.27 -18.88 15.95
CA ILE B 74 9.08 -18.20 15.47
C ILE B 74 8.15 -17.84 16.63
N VAL B 75 7.70 -16.60 16.66
CA VAL B 75 6.75 -16.14 17.65
C VAL B 75 5.40 -16.83 17.39
N ALA B 76 4.89 -17.51 18.40
CA ALA B 76 3.71 -18.33 18.26
C ALA B 76 2.44 -17.50 18.15
N VAL B 77 1.40 -18.09 17.56
CA VAL B 77 0.09 -17.49 17.60
C VAL B 77 -0.78 -18.29 18.54
N TYR B 78 -1.37 -17.63 19.52
CA TYR B 78 -2.08 -18.31 20.56
C TYR B 78 -3.55 -18.37 20.21
N ASP B 79 -4.16 -17.20 20.05
CA ASP B 79 -5.57 -17.14 19.74
C ASP B 79 -5.73 -16.14 18.62
N THR B 80 -6.86 -16.22 17.91
CA THR B 80 -7.27 -15.16 17.00
C THR B 80 -8.73 -14.87 17.29
N GLY B 81 -9.11 -13.60 17.40
CA GLY B 81 -10.49 -13.28 17.79
C GLY B 81 -11.11 -12.01 17.25
N GLU B 82 -12.26 -11.63 17.81
CA GLU B 82 -12.92 -10.36 17.51
C GLU B 82 -13.57 -9.85 18.79
N ALA B 83 -13.11 -8.71 19.30
CA ALA B 83 -13.69 -8.15 20.51
C ALA B 83 -14.77 -7.17 20.13
N GLU B 84 -15.88 -7.16 20.86
CA GLU B 84 -16.98 -6.25 20.54
C GLU B 84 -17.27 -5.23 21.63
N THR B 85 -16.58 -4.08 21.57
CA THR B 85 -16.98 -2.90 22.32
C THR B 85 -17.51 -1.85 21.35
N PRO B 86 -18.05 -0.73 21.87
CA PRO B 86 -18.71 0.28 21.03
C PRO B 86 -17.79 0.95 19.99
N ALA B 87 -16.55 0.46 19.89
CA ALA B 87 -15.68 0.87 18.80
C ALA B 87 -15.47 -0.31 17.84
N GLY B 88 -15.38 -1.52 18.41
CA GLY B 88 -15.28 -2.78 17.66
C GLY B 88 -16.58 -3.12 16.94
N PRO B 89 -16.57 -4.22 16.16
CA PRO B 89 -15.69 -5.36 16.29
C PRO B 89 -14.30 -4.99 15.89
N LEU B 90 -13.33 -5.57 16.61
CA LEU B 90 -11.91 -5.33 16.47
C LEU B 90 -11.22 -6.67 16.38
N PRO B 91 -11.05 -7.20 15.17
CA PRO B 91 -10.34 -8.47 15.11
C PRO B 91 -8.98 -8.27 15.74
N TYR B 92 -8.44 -9.32 16.35
CA TYR B 92 -7.12 -9.22 16.94
C TYR B 92 -6.45 -10.57 16.95
N ILE B 93 -5.13 -10.55 17.08
CA ILE B 93 -4.38 -11.79 17.18
C ILE B 93 -3.58 -11.77 18.48
N VAL B 94 -3.63 -12.88 19.21
CA VAL B 94 -2.92 -13.00 20.48
C VAL B 94 -1.69 -13.85 20.25
N MET B 95 -0.53 -13.32 20.63
CA MET B 95 0.75 -13.96 20.33
C MET B 95 1.70 -14.07 21.51
N GLU B 96 2.61 -15.04 21.40
CA GLU B 96 3.75 -15.13 22.26
C GLU B 96 4.37 -13.76 22.45
N TYR B 97 4.74 -13.42 23.67
CA TYR B 97 5.39 -12.17 23.90
C TYR B 97 6.92 -12.37 23.96
N VAL B 98 7.66 -11.44 23.35
CA VAL B 98 9.11 -11.44 23.41
C VAL B 98 9.60 -10.20 24.16
N ASP B 99 10.23 -10.44 25.30
CA ASP B 99 10.83 -9.36 26.06
C ASP B 99 12.15 -9.07 25.37
N GLY B 100 12.19 -8.03 24.53
CA GLY B 100 13.38 -7.77 23.71
C GLY B 100 13.32 -6.55 22.84
N VAL B 101 14.15 -6.51 21.79
CA VAL B 101 14.15 -5.36 20.89
C VAL B 101 14.27 -5.87 19.47
N THR B 102 13.94 -5.03 18.49
CA THR B 102 14.04 -5.45 17.11
C THR B 102 15.48 -5.41 16.68
N LEU B 103 15.83 -6.24 15.71
CA LEU B 103 17.13 -6.18 15.08
C LEU B 103 17.36 -4.79 14.50
N ARG B 104 16.28 -4.05 14.24
CA ARG B 104 16.40 -2.72 13.69
C ARG B 104 16.90 -1.71 14.71
N ASP B 105 16.41 -1.83 15.95
CA ASP B 105 16.78 -0.91 17.01
C ASP B 105 18.24 -1.15 17.36
N ILE B 106 18.61 -2.43 17.33
CA ILE B 106 19.95 -2.85 17.65
C ILE B 106 20.96 -2.21 16.72
N VAL B 107 20.78 -2.43 15.42
CA VAL B 107 21.66 -1.81 14.44
C VAL B 107 21.71 -0.28 14.57
N HIS B 108 20.58 0.32 14.95
CA HIS B 108 20.47 1.77 15.03
C HIS B 108 21.13 2.33 16.28
N THR B 109 21.02 1.62 17.40
CA THR B 109 21.63 2.13 18.64
C THR B 109 23.01 1.53 18.88
N GLU B 110 23.26 0.33 18.37
CA GLU B 110 24.53 -0.33 18.66
C GLU B 110 25.51 -0.38 17.49
N GLY B 111 25.01 -0.22 16.27
CA GLY B 111 25.86 -0.31 15.12
C GLY B 111 25.99 -1.75 14.69
N PRO B 112 26.85 -2.00 13.71
CA PRO B 112 26.94 -3.30 13.06
C PRO B 112 27.41 -4.37 14.05
N MET B 113 26.98 -5.61 13.85
CA MET B 113 27.43 -6.71 14.70
C MET B 113 28.79 -7.24 14.26
N THR B 114 29.38 -8.11 15.08
CA THR B 114 30.54 -8.87 14.63
C THR B 114 30.04 -10.02 13.76
N PRO B 115 30.83 -10.42 12.76
CA PRO B 115 30.49 -11.56 11.93
C PRO B 115 30.03 -12.75 12.77
N LYS B 116 30.72 -13.00 13.88
CA LYS B 116 30.36 -14.11 14.74
C LYS B 116 28.94 -13.94 15.22
N ARG B 117 28.57 -12.74 15.65
CA ARG B 117 27.20 -12.53 16.10
C ARG B 117 26.21 -12.46 14.92
N ALA B 118 26.54 -11.68 13.90
CA ALA B 118 25.71 -11.58 12.72
C ALA B 118 25.32 -12.96 12.22
N ILE B 119 26.34 -13.79 11.96
CA ILE B 119 26.12 -15.15 11.51
C ILE B 119 25.17 -15.91 12.44
N GLU B 120 25.44 -15.91 13.74
CA GLU B 120 24.57 -16.66 14.64
C GLU B 120 23.12 -16.23 14.51
N VAL B 121 22.89 -14.92 14.50
CA VAL B 121 21.55 -14.37 14.36
C VAL B 121 20.87 -14.77 13.06
N ILE B 122 21.57 -14.57 11.93
CA ILE B 122 20.97 -14.86 10.64
C ILE B 122 20.76 -16.36 10.47
N ALA B 123 21.72 -17.14 10.92
CA ALA B 123 21.55 -18.59 10.92
C ALA B 123 20.28 -19.04 11.64
N ASP B 124 19.93 -18.38 12.74
CA ASP B 124 18.70 -18.71 13.45
C ASP B 124 17.48 -18.22 12.67
N ALA B 125 17.58 -17.02 12.09
CA ALA B 125 16.52 -16.59 11.18
C ALA B 125 16.29 -17.64 10.07
N CYS B 126 17.38 -18.21 9.56
CA CYS B 126 17.29 -19.25 8.54
C CYS B 126 16.50 -20.46 9.01
N GLN B 127 16.70 -20.86 10.25
CA GLN B 127 15.98 -22.01 10.73
C GLN B 127 14.49 -21.73 10.82
N ALA B 128 14.13 -20.50 11.18
CA ALA B 128 12.74 -20.06 11.21
C ALA B 128 12.14 -20.07 9.81
N LEU B 129 12.82 -19.45 8.85
CA LEU B 129 12.30 -19.35 7.49
C LEU B 129 12.22 -20.71 6.80
N ASN B 130 13.22 -21.54 7.05
CA ASN B 130 13.22 -22.89 6.52
C ASN B 130 12.00 -23.61 7.04
N PHE B 131 11.82 -23.60 8.35
CA PHE B 131 10.70 -24.30 8.94
C PHE B 131 9.41 -23.85 8.29
N SER B 132 9.23 -22.53 8.23
CA SER B 132 8.05 -21.93 7.60
C SER B 132 7.84 -22.42 6.18
N HIS B 133 8.90 -22.40 5.38
CA HIS B 133 8.80 -22.82 4.01
C HIS B 133 8.38 -24.27 3.95
N GLN B 134 8.93 -25.07 4.85
CA GLN B 134 8.66 -26.51 4.83
C GLN B 134 7.23 -26.77 5.26
N ASN B 135 6.59 -25.70 5.75
CA ASN B 135 5.19 -25.75 6.11
C ASN B 135 4.32 -24.97 5.13
N GLY B 136 4.87 -24.70 3.95
CA GLY B 136 4.12 -24.03 2.89
C GLY B 136 3.95 -22.54 3.04
N ILE B 137 4.64 -21.95 4.02
CA ILE B 137 4.52 -20.53 4.31
C ILE B 137 5.76 -19.71 3.90
N ILE B 138 5.54 -18.70 3.07
CA ILE B 138 6.58 -17.76 2.70
C ILE B 138 6.36 -16.48 3.49
N HIS B 139 7.43 -15.97 4.12
CA HIS B 139 7.28 -14.79 4.94
C HIS B 139 6.90 -13.56 4.11
N ARG B 140 7.72 -13.21 3.10
CA ARG B 140 7.40 -12.12 2.18
CA ARG B 140 7.42 -12.12 2.17
C ARG B 140 7.76 -10.70 2.66
N ASP B 141 8.13 -10.57 3.94
CA ASP B 141 8.47 -9.26 4.47
C ASP B 141 9.62 -9.37 5.50
N VAL B 142 10.69 -10.05 5.14
CA VAL B 142 11.82 -10.21 6.02
C VAL B 142 12.61 -8.90 6.03
N LYS B 143 12.87 -8.38 7.23
CA LYS B 143 13.45 -7.07 7.41
C LYS B 143 13.73 -6.85 8.87
N PRO B 144 14.69 -5.95 9.19
CA PRO B 144 15.16 -5.85 10.56
C PRO B 144 14.02 -5.66 11.54
N ALA B 145 13.04 -4.83 11.19
CA ALA B 145 11.95 -4.58 12.13
C ALA B 145 11.13 -5.81 12.46
N ASN B 146 11.30 -6.90 11.71
CA ASN B 146 10.51 -8.09 11.93
C ASN B 146 11.28 -9.24 12.51
N ILE B 147 12.49 -8.95 12.99
CA ILE B 147 13.30 -9.95 13.69
C ILE B 147 13.59 -9.44 15.08
N LEU B 148 13.12 -10.13 16.12
CA LEU B 148 13.35 -9.65 17.47
C LEU B 148 14.50 -10.42 18.12
N ILE B 149 15.27 -9.75 18.98
CA ILE B 149 16.25 -10.43 19.82
C ILE B 149 15.77 -10.40 21.27
N SER B 150 15.64 -11.55 21.90
CA SER B 150 15.07 -11.63 23.25
C SER B 150 16.11 -11.23 24.29
N ALA B 151 15.66 -10.95 25.51
CA ALA B 151 16.57 -10.55 26.58
C ALA B 151 17.62 -11.63 26.85
N THR B 152 17.31 -12.87 26.48
CA THR B 152 18.29 -13.95 26.58
C THR B 152 18.92 -14.24 25.22
N ASN B 153 18.75 -13.32 24.28
CA ASN B 153 19.42 -13.43 23.00
C ASN B 153 18.90 -14.49 22.06
N ALA B 154 17.65 -14.90 22.23
CA ALA B 154 17.06 -15.82 21.29
C ALA B 154 16.49 -15.04 20.13
N VAL B 155 16.65 -15.56 18.92
CA VAL B 155 16.08 -14.93 17.75
C VAL B 155 14.61 -15.31 17.65
N LYS B 156 13.76 -14.33 17.33
CA LYS B 156 12.33 -14.56 17.21
C LYS B 156 11.78 -13.78 16.03
N VAL B 157 11.20 -14.47 15.05
CA VAL B 157 10.74 -13.80 13.83
C VAL B 157 9.24 -13.52 13.88
N VAL B 158 8.83 -12.31 13.52
CA VAL B 158 7.41 -11.98 13.54
C VAL B 158 6.91 -11.64 12.14
N ASP B 159 5.58 -11.46 12.04
CA ASP B 159 4.95 -10.82 10.90
C ASP B 159 5.01 -11.65 9.61
N PHE B 160 4.80 -12.96 9.74
CA PHE B 160 4.72 -13.80 8.55
C PHE B 160 3.51 -13.46 7.69
N GLY B 161 3.68 -13.42 6.38
CA GLY B 161 2.53 -13.19 5.49
C GLY B 161 1.57 -14.35 5.57
N ILE B 162 0.28 -14.09 5.37
CA ILE B 162 -0.69 -15.18 5.33
C ILE B 162 -0.57 -15.93 4.00
N ALA B 163 -0.88 -17.22 4.05
CA ALA B 163 -0.86 -18.08 2.86
C ALA B 163 -1.75 -17.53 1.75
N ARG B 164 -1.26 -17.62 0.52
CA ARG B 164 -2.02 -17.20 -0.64
C ARG B 164 -2.15 -18.31 -1.66
N ALA B 165 -3.10 -18.09 -2.57
CA ALA B 165 -3.35 -19.01 -3.66
C ALA B 165 -2.27 -18.92 -4.75
N ILE B 166 -1.88 -20.09 -5.25
CA ILE B 166 -0.95 -20.18 -6.36
C ILE B 166 -1.72 -20.35 -7.67
N ALA B 167 -1.30 -19.64 -8.71
CA ALA B 167 -2.01 -19.70 -10.00
C ALA B 167 -1.62 -20.90 -10.89
N ASP B 168 -2.31 -21.05 -12.02
CA ASP B 168 -1.98 -22.08 -13.01
C ASP B 168 -0.49 -22.03 -13.37
N SER B 169 0.08 -20.83 -13.32
CA SER B 169 1.48 -20.61 -13.65
C SER B 169 2.40 -21.47 -12.79
N GLY B 170 1.96 -21.73 -11.56
CA GLY B 170 2.83 -22.32 -10.55
C GLY B 170 3.39 -21.17 -9.76
N ASN B 171 2.99 -19.95 -10.14
CA ASN B 171 3.36 -18.73 -9.43
C ASN B 171 2.37 -18.39 -8.32
N SER B 172 2.82 -17.61 -7.36
CA SER B 172 1.96 -17.11 -6.30
C SER B 172 1.04 -15.98 -6.79
N VAL B 173 -0.17 -15.95 -6.25
CA VAL B 173 -1.13 -14.91 -6.56
C VAL B 173 -0.86 -13.68 -5.69
N TPO B 174 -0.70 -12.53 -6.31
CA TPO B 174 -0.32 -11.31 -5.60
CB TPO B 174 0.07 -10.22 -6.61
CG2 TPO B 174 1.34 -10.58 -7.37
OG1 TPO B 174 -1.00 -10.07 -7.56
P TPO B 174 -0.88 -10.59 -9.10
O1P TPO B 174 0.48 -10.35 -9.61
O2P TPO B 174 -1.98 -9.79 -9.97
O3P TPO B 174 -1.17 -12.17 -9.15
C TPO B 174 -1.40 -10.86 -4.64
O TPO B 174 -2.58 -11.14 -4.86
N GLN B 175 -1.02 -10.15 -3.57
CA GLN B 175 -1.97 -9.73 -2.52
C GLN B 175 -1.99 -8.21 -2.25
N THR B 176 -3.08 -7.76 -1.61
CA THR B 176 -3.26 -6.34 -1.24
C THR B 176 -3.77 -5.50 -2.40
N ILE B 180 6.91 5.52 -0.33
CA ILE B 180 5.70 5.08 0.35
C ILE B 180 5.93 3.79 1.18
N GLY B 181 7.20 3.40 1.32
CA GLY B 181 7.61 2.19 2.07
C GLY B 181 9.13 2.03 2.19
N THR B 182 9.57 0.92 2.80
CA THR B 182 11.01 0.64 3.02
C THR B 182 11.81 0.48 1.71
N ALA B 183 11.39 -0.46 0.87
CA ALA B 183 12.11 -0.76 -0.39
C ALA B 183 13.54 -1.20 -0.21
N GLN B 184 14.01 -1.29 1.02
CA GLN B 184 15.41 -1.63 1.24
C GLN B 184 15.62 -3.13 1.32
N TYR B 185 14.55 -3.90 1.43
CA TYR B 185 14.68 -5.34 1.60
C TYR B 185 13.90 -6.12 0.56
N LEU B 186 13.38 -5.37 -0.41
CA LEU B 186 12.70 -5.92 -1.60
C LEU B 186 13.57 -6.78 -2.51
N SER B 187 13.09 -7.97 -2.85
CA SER B 187 13.70 -8.77 -3.93
C SER B 187 13.37 -8.20 -5.31
N PRO B 188 14.16 -8.59 -6.32
CA PRO B 188 13.83 -8.13 -7.66
C PRO B 188 12.44 -8.59 -8.10
N GLU B 189 12.07 -9.81 -7.73
CA GLU B 189 10.79 -10.33 -8.18
C GLU B 189 9.63 -9.56 -7.54
N GLN B 190 9.82 -9.13 -6.29
CA GLN B 190 8.82 -8.32 -5.65
C GLN B 190 8.69 -6.97 -6.35
N ALA B 191 9.83 -6.36 -6.65
CA ALA B 191 9.84 -5.07 -7.31
C ALA B 191 9.02 -5.13 -8.60
N ARG B 192 9.27 -6.14 -9.42
CA ARG B 192 8.55 -6.30 -10.67
C ARG B 192 7.12 -6.80 -10.49
N GLY B 193 6.80 -7.24 -9.28
CA GLY B 193 5.49 -7.80 -9.00
C GLY B 193 5.37 -9.18 -9.60
N ASP B 194 6.48 -9.90 -9.64
CA ASP B 194 6.48 -11.28 -10.12
C ASP B 194 6.19 -12.21 -8.97
N SER B 195 6.15 -13.51 -9.29
CA SER B 195 5.98 -14.57 -8.32
C SER B 195 7.03 -14.50 -7.22
N VAL B 196 6.58 -14.46 -5.96
CA VAL B 196 7.48 -14.47 -4.80
C VAL B 196 7.42 -15.79 -4.04
N ASP B 197 8.59 -16.32 -3.66
CA ASP B 197 8.63 -17.62 -3.01
C ASP B 197 9.85 -17.66 -2.11
N ALA B 198 10.28 -18.87 -1.75
CA ALA B 198 11.30 -19.01 -0.75
C ALA B 198 12.55 -18.24 -1.12
N ARG B 199 12.85 -18.20 -2.41
CA ARG B 199 14.04 -17.52 -2.89
C ARG B 199 14.00 -16.04 -2.53
N SER B 200 12.82 -15.43 -2.61
CA SER B 200 12.66 -14.04 -2.16
C SER B 200 13.06 -13.87 -0.71
N ASP B 201 12.46 -14.66 0.19
CA ASP B 201 12.84 -14.59 1.60
C ASP B 201 14.37 -14.67 1.71
N VAL B 202 14.97 -15.63 0.99
CA VAL B 202 16.42 -15.77 1.01
C VAL B 202 17.13 -14.43 0.65
N TYR B 203 16.70 -13.80 -0.44
CA TYR B 203 17.26 -12.53 -0.87
C TYR B 203 17.10 -11.46 0.19
N SER B 204 15.91 -11.39 0.76
CA SER B 204 15.65 -10.36 1.75
C SER B 204 16.50 -10.58 3.00
N LEU B 205 16.62 -11.82 3.42
CA LEU B 205 17.40 -12.10 4.60
C LEU B 205 18.84 -11.73 4.26
N GLY B 206 19.26 -11.99 3.02
CA GLY B 206 20.54 -11.50 2.56
C GLY B 206 20.75 -10.01 2.82
N CYS B 207 19.73 -9.20 2.54
CA CYS B 207 19.84 -7.76 2.74
C CYS B 207 20.05 -7.45 4.21
N VAL B 208 19.37 -8.17 5.08
CA VAL B 208 19.49 -7.94 6.53
C VAL B 208 20.90 -8.29 6.98
N LEU B 209 21.40 -9.41 6.47
CA LEU B 209 22.72 -9.89 6.84
C LEU B 209 23.69 -8.83 6.43
N TYR B 210 23.47 -8.28 5.24
CA TYR B 210 24.36 -7.26 4.71
C TYR B 210 24.31 -6.04 5.66
N GLU B 211 23.13 -5.76 6.18
CA GLU B 211 22.96 -4.59 7.00
C GLU B 211 23.55 -4.76 8.39
N VAL B 212 23.41 -5.93 9.00
CA VAL B 212 23.96 -6.10 10.36
C VAL B 212 25.51 -6.17 10.30
N LEU B 213 26.03 -6.61 9.15
CA LEU B 213 27.46 -6.69 8.96
C LEU B 213 28.08 -5.33 8.68
N THR B 214 27.39 -4.49 7.93
CA THR B 214 28.02 -3.26 7.44
C THR B 214 27.41 -1.98 8.00
N GLY B 215 26.18 -2.06 8.51
CA GLY B 215 25.52 -0.89 9.05
C GLY B 215 24.54 -0.27 8.05
N GLU B 216 24.56 -0.73 6.80
CA GLU B 216 23.61 -0.27 5.79
C GLU B 216 23.13 -1.43 4.96
N PRO B 217 21.90 -1.35 4.46
CA PRO B 217 21.41 -2.37 3.53
C PRO B 217 22.16 -2.17 2.20
N PRO B 218 22.04 -3.11 1.27
CA PRO B 218 22.90 -3.05 0.09
C PRO B 218 22.68 -1.77 -0.71
N PHE B 219 21.44 -1.31 -0.75
CA PHE B 219 21.10 -0.14 -1.55
C PHE B 219 20.32 0.90 -0.76
N THR B 220 20.71 2.14 -0.93
CA THR B 220 20.04 3.23 -0.25
C THR B 220 19.88 4.29 -1.30
N GLY B 221 18.98 5.24 -1.06
CA GLY B 221 18.62 6.20 -2.09
C GLY B 221 17.58 7.11 -1.52
N ASP B 222 17.18 8.12 -2.30
CA ASP B 222 16.29 9.15 -1.77
C ASP B 222 14.87 8.97 -2.29
N SER B 223 14.64 7.83 -2.93
CA SER B 223 13.29 7.40 -3.23
C SER B 223 13.22 5.90 -3.14
N PRO B 224 12.11 5.39 -2.64
CA PRO B 224 11.97 3.95 -2.66
C PRO B 224 12.03 3.40 -4.09
N VAL B 225 11.39 4.09 -5.01
CA VAL B 225 11.43 3.68 -6.42
C VAL B 225 12.85 3.46 -6.96
N SER B 226 13.75 4.37 -6.65
CA SER B 226 15.11 4.33 -7.14
C SER B 226 15.89 3.19 -6.46
N VAL B 227 15.57 2.93 -5.20
CA VAL B 227 16.15 1.77 -4.51
C VAL B 227 15.61 0.46 -5.10
N ALA B 228 14.33 0.44 -5.43
CA ALA B 228 13.74 -0.75 -6.01
C ALA B 228 14.50 -1.07 -7.29
N TYR B 229 14.82 -0.03 -8.04
CA TYR B 229 15.55 -0.16 -9.29
C TYR B 229 16.94 -0.78 -9.08
N GLN B 230 17.66 -0.30 -8.08
CA GLN B 230 18.96 -0.85 -7.81
C GLN B 230 18.87 -2.35 -7.52
N HIS B 231 17.87 -2.77 -6.76
CA HIS B 231 17.67 -4.21 -6.53
C HIS B 231 17.54 -4.96 -7.84
N VAL B 232 16.76 -4.40 -8.76
CA VAL B 232 16.56 -5.04 -10.04
C VAL B 232 17.83 -5.05 -10.88
N ARG B 233 18.46 -3.89 -11.06
CA ARG B 233 19.47 -3.76 -12.12
C ARG B 233 20.93 -3.72 -11.63
N GLU B 234 21.15 -3.32 -10.39
CA GLU B 234 22.52 -2.98 -9.97
C GLU B 234 23.19 -3.98 -9.02
N ASP B 235 24.48 -4.18 -9.22
CA ASP B 235 25.28 -5.08 -8.41
C ASP B 235 25.57 -4.52 -7.03
N PRO B 236 25.45 -5.38 -6.03
CA PRO B 236 25.76 -4.90 -4.69
C PRO B 236 27.27 -4.95 -4.48
N ILE B 237 27.81 -3.92 -3.86
CA ILE B 237 29.21 -3.89 -3.49
C ILE B 237 29.46 -4.87 -2.37
N PRO B 238 30.43 -5.78 -2.54
CA PRO B 238 30.79 -6.71 -1.47
C PRO B 238 30.91 -6.03 -0.11
N PRO B 239 30.30 -6.62 0.93
CA PRO B 239 30.30 -6.10 2.30
C PRO B 239 31.67 -5.62 2.78
N SER B 240 32.71 -6.39 2.51
CA SER B 240 34.05 -6.09 2.98
C SER B 240 34.63 -4.85 2.34
N ALA B 241 33.96 -4.32 1.34
CA ALA B 241 34.42 -3.06 0.76
C ALA B 241 33.74 -1.89 1.48
N ARG B 242 32.75 -2.22 2.31
CA ARG B 242 31.98 -1.20 3.01
C ARG B 242 32.29 -1.22 4.50
N HIS B 243 32.72 -2.36 5.02
CA HIS B 243 33.07 -2.44 6.45
C HIS B 243 34.24 -3.41 6.61
N GLU B 244 35.10 -3.17 7.60
CA GLU B 244 36.22 -4.04 7.91
C GLU B 244 35.81 -5.26 8.72
N GLY B 245 36.75 -6.20 8.81
CA GLY B 245 36.60 -7.37 9.67
C GLY B 245 35.81 -8.49 9.03
N LEU B 246 35.62 -8.41 7.72
CA LEU B 246 34.75 -9.35 7.02
C LEU B 246 35.56 -10.11 5.98
N SER B 247 35.43 -11.42 5.94
CA SER B 247 36.29 -12.23 5.06
C SER B 247 35.69 -12.37 3.67
N ALA B 248 36.53 -12.71 2.69
CA ALA B 248 36.07 -12.95 1.33
C ALA B 248 35.05 -14.08 1.26
N ASP B 249 35.20 -15.07 2.13
CA ASP B 249 34.23 -16.15 2.22
C ASP B 249 32.87 -15.62 2.67
N LEU B 250 32.87 -14.69 3.61
CA LEU B 250 31.58 -14.14 4.07
C LEU B 250 30.91 -13.39 2.92
N ASP B 251 31.70 -12.62 2.20
CA ASP B 251 31.26 -11.89 1.03
C ASP B 251 30.57 -12.83 0.06
N ALA B 252 31.21 -13.97 -0.18
CA ALA B 252 30.68 -14.92 -1.14
C ALA B 252 29.28 -15.38 -0.75
N VAL B 253 29.06 -15.56 0.55
CA VAL B 253 27.79 -16.05 1.00
C VAL B 253 26.74 -14.98 0.88
N VAL B 254 27.09 -13.76 1.27
CA VAL B 254 26.14 -12.67 1.20
C VAL B 254 25.77 -12.42 -0.25
N LEU B 255 26.76 -12.44 -1.12
CA LEU B 255 26.50 -12.09 -2.50
C LEU B 255 25.73 -13.16 -3.25
N LYS B 256 25.87 -14.42 -2.83
CA LYS B 256 25.07 -15.47 -3.43
C LYS B 256 23.61 -15.24 -3.06
N ALA B 257 23.34 -15.02 -1.78
CA ALA B 257 21.99 -14.72 -1.33
C ALA B 257 21.42 -13.53 -2.11
N LEU B 258 22.27 -12.56 -2.41
CA LEU B 258 21.80 -11.33 -3.04
C LEU B 258 21.73 -11.40 -4.56
N ALA B 259 21.89 -12.59 -5.12
CA ALA B 259 21.93 -12.76 -6.58
C ALA B 259 20.62 -12.33 -7.26
N LYS B 260 20.74 -11.69 -8.43
CA LYS B 260 19.57 -11.22 -9.18
C LYS B 260 18.57 -12.33 -9.58
N ASN B 261 19.07 -13.44 -10.11
CA ASN B 261 18.20 -14.52 -10.57
C ASN B 261 18.04 -15.57 -9.50
N PRO B 262 16.81 -15.72 -8.99
CA PRO B 262 16.54 -16.68 -7.93
C PRO B 262 17.23 -18.01 -8.17
N GLU B 263 17.38 -18.42 -9.43
CA GLU B 263 18.02 -19.70 -9.72
C GLU B 263 19.49 -19.74 -9.30
N ASN B 264 20.07 -18.56 -9.03
CA ASN B 264 21.46 -18.48 -8.59
C ASN B 264 21.66 -18.21 -7.12
N ARG B 265 20.58 -17.88 -6.40
CA ARG B 265 20.67 -17.75 -4.95
C ARG B 265 20.69 -19.13 -4.28
N TYR B 266 20.75 -19.15 -2.95
CA TYR B 266 20.49 -20.37 -2.23
C TYR B 266 19.05 -20.73 -2.51
N GLN B 267 18.80 -21.99 -2.83
CA GLN B 267 17.43 -22.37 -3.16
C GLN B 267 16.55 -22.50 -1.93
N THR B 268 17.16 -22.74 -0.78
CA THR B 268 16.41 -22.89 0.45
C THR B 268 17.15 -22.13 1.54
N ALA B 269 16.44 -21.77 2.60
CA ALA B 269 17.06 -21.16 3.77
C ALA B 269 18.03 -22.12 4.45
N ALA B 270 17.75 -23.41 4.39
CA ALA B 270 18.63 -24.39 5.04
C ALA B 270 19.98 -24.43 4.33
N GLU B 271 19.96 -24.16 3.03
CA GLU B 271 21.19 -24.13 2.24
C GLU B 271 22.04 -22.94 2.62
N MET B 272 21.38 -21.78 2.74
CA MET B 272 22.06 -20.58 3.17
C MET B 272 22.62 -20.77 4.58
N ARG B 273 21.87 -21.47 5.42
CA ARG B 273 22.31 -21.67 6.79
C ARG B 273 23.54 -22.55 6.76
N ALA B 274 23.55 -23.51 5.84
CA ALA B 274 24.66 -24.43 5.70
C ALA B 274 25.96 -23.70 5.33
N ASP B 275 25.86 -22.70 4.45
CA ASP B 275 27.03 -21.91 4.08
C ASP B 275 27.42 -20.89 5.14
N LEU B 276 26.47 -20.48 5.97
CA LEU B 276 26.80 -19.57 7.06
C LEU B 276 27.52 -20.33 8.17
N VAL B 277 27.14 -21.58 8.36
CA VAL B 277 27.77 -22.43 9.37
C VAL B 277 29.23 -22.73 9.00
N ARG B 278 29.47 -22.97 7.72
CA ARG B 278 30.82 -23.26 7.25
C ARG B 278 31.74 -22.06 7.44
N VAL B 279 31.25 -20.88 7.05
CA VAL B 279 32.02 -19.66 7.23
C VAL B 279 32.29 -19.43 8.71
N HIS B 280 31.27 -19.69 9.53
CA HIS B 280 31.38 -19.52 10.97
C HIS B 280 32.45 -20.42 11.52
N ASN B 281 32.69 -21.54 10.84
CA ASN B 281 33.65 -22.56 11.28
C ASN B 281 35.03 -22.43 10.65
N GLY B 282 35.17 -21.50 9.73
CA GLY B 282 36.45 -21.32 9.06
C GLY B 282 36.60 -22.21 7.85
N GLU B 283 35.50 -22.79 7.39
CA GLU B 283 35.49 -23.60 6.18
C GLU B 283 35.25 -22.76 4.94
N PRO B 284 35.75 -23.24 3.78
CA PRO B 284 35.36 -22.66 2.50
C PRO B 284 33.88 -22.91 2.22
N PRO B 285 33.14 -21.85 1.87
CA PRO B 285 31.72 -21.91 1.54
C PRO B 285 31.49 -22.52 0.15
N GLU B 286 30.27 -23.02 -0.10
CA GLU B 286 29.95 -23.68 -1.35
C GLU B 286 29.73 -22.65 -2.45
N ALA B 287 29.77 -21.38 -2.06
CA ALA B 287 29.38 -20.27 -2.92
C ALA B 287 30.54 -19.71 -3.73
N PRO B 288 30.26 -19.30 -4.98
CA PRO B 288 31.23 -18.75 -5.93
C PRO B 288 32.19 -17.70 -5.32
N LYS B 289 33.45 -17.73 -5.74
CA LYS B 289 34.49 -16.88 -5.16
C LYS B 289 34.21 -15.37 -5.20
N VAL B 290 33.86 -14.84 -6.38
CA VAL B 290 33.62 -13.41 -6.54
C VAL B 290 34.94 -12.62 -6.61
CAR XDR C . -13.85 5.42 -0.57
OAV XDR C . -14.61 6.58 -1.12
CAY XDR C . -13.93 7.72 -1.47
OAD XDR C . -12.72 7.80 -1.30
CBM XDR C . -14.66 8.79 -2.26
OAE XDR C . -13.92 9.91 -2.69
CAT XDR C . -16.13 8.55 -2.67
CBL XDR C . -16.96 8.22 -1.42
OAW XDR C . -16.21 8.79 -0.36
CBN XDR C . -15.22 9.61 -1.02
CAB XDR C . -14.19 9.92 0.07
NBK XDR C . -15.89 10.95 -1.31
CBE XDR C . -15.25 12.13 -1.23
CAM XDR C . -13.94 12.45 -0.91
CAI XDR C . -13.54 13.79 -0.89
CAF XDR C . -14.45 14.80 -1.22
CAJ XDR C . -15.77 14.48 -1.55
CBB XDR C . -16.15 13.15 -1.55
CBF XDR C . -17.37 12.55 -1.83
CBI XDR C . -17.14 11.19 -1.66
CBH XDR C . -18.19 10.33 -1.88
NBJ XDR C . -18.16 9.01 -1.76
CBD XDR C . -19.36 8.55 -2.09
CAL XDR C . -19.85 7.24 -2.15
CAH XDR C . -21.16 7.01 -2.56
CAG XDR C . -21.99 8.08 -2.87
CAK XDR C . -21.53 9.39 -2.76
CBC XDR C . -20.21 9.62 -2.40
CBG XDR C . -19.45 10.79 -2.25
CBA XDR C . -19.70 12.15 -2.43
CAZ XDR C . -18.63 13.01 -2.21
CAS XDR C . -19.09 14.45 -2.41
NAU XDR C . -20.49 14.26 -2.80
CAX XDR C . -20.81 12.95 -2.78
OAC XDR C . -21.95 12.55 -3.10
S SO4 D . -25.31 31.74 1.29
O1 SO4 D . -24.86 32.58 2.40
O2 SO4 D . -24.35 31.84 0.20
O3 SO4 D . -25.41 30.34 1.72
O4 SO4 D . -26.62 32.20 0.84
S SO4 E . 7.04 6.03 -23.84
O1 SO4 E . 8.47 5.83 -23.62
O2 SO4 E . 6.67 5.66 -25.20
O3 SO4 E . 6.26 5.20 -22.91
O4 SO4 E . 6.74 7.46 -23.64
CAR XDR F . 8.18 -1.38 14.15
OAV XDR F . 7.82 -2.68 14.78
CAY XDR F . 7.56 -3.76 13.98
OAD XDR F . 7.44 -3.64 12.77
CBM XDR F . 7.59 -5.16 14.52
OAE XDR F . 7.17 -6.20 13.66
CAT XDR F . 8.24 -5.39 15.87
CBL XDR F . 7.52 -4.61 16.93
OAW XDR F . 6.23 -4.39 16.42
CBN XDR F . 6.16 -5.17 15.25
CAB XDR F . 5.03 -4.51 14.49
NBK XDR F . 5.59 -6.47 15.73
CBE XDR F . 4.70 -7.19 15.03
CAM XDR F . 4.12 -7.01 13.78
CAI XDR F . 3.21 -7.95 13.29
CAF XDR F . 2.86 -9.07 14.05
CAJ XDR F . 3.45 -9.26 15.30
CBB XDR F . 4.36 -8.33 15.79
CBF XDR F . 5.06 -8.25 16.97
CBI XDR F . 5.79 -7.08 16.89
CBH XDR F . 6.64 -6.73 17.91
NBJ XDR F . 7.40 -5.65 17.99
CBD XDR F . 8.06 -5.68 19.14
CAL XDR F . 9.01 -4.80 19.67
CAH XDR F . 9.58 -5.10 20.90
CAG XDR F . 9.20 -6.24 21.61
CAK XDR F . 8.23 -7.11 21.10
CBC XDR F . 7.68 -6.84 19.85
CBG XDR F . 6.76 -7.49 19.07
CBA XDR F . 6.02 -8.67 19.18
CAZ XDR F . 5.18 -9.03 18.12
CAS XDR F . 4.51 -10.34 18.48
NAU XDR F . 5.03 -10.61 19.81
CAX XDR F . 5.89 -9.65 20.16
OAC XDR F . 6.44 -9.59 21.27
S SO4 G . -8.75 -22.88 24.69
O1 SO4 G . -8.79 -24.35 24.62
O2 SO4 G . -7.59 -22.37 23.96
O3 SO4 G . -9.98 -22.34 24.12
O4 SO4 G . -8.66 -22.47 26.08
S SO4 H . 22.79 -13.02 -11.03
O1 SO4 H . 24.06 -13.71 -11.27
O2 SO4 H . 22.38 -12.28 -12.23
O3 SO4 H . 21.76 -13.99 -10.70
O4 SO4 H . 22.98 -12.08 -9.92
#